data_6GNM
#
_entry.id   6GNM
#
_cell.length_a   71.526
_cell.length_b   75.845
_cell.length_c   107.552
_cell.angle_alpha   90.00
_cell.angle_beta   90.00
_cell.angle_gamma   90.00
#
_symmetry.space_group_name_H-M   'P 21 21 21'
#
loop_
_entity.id
_entity.type
_entity.pdbx_description
1 polymer Transthyretin
2 non-polymer bis(2,4-dihydroxyphenyl)methanone
3 water water
#
_entity_poly.entity_id   1
_entity_poly.type   'polypeptide(L)'
_entity_poly.pdbx_seq_one_letter_code
;GAMAPTPTDKHGGSDTRCPLMVKILDAVKGTPAGSVALKVSQKTADGGWTQIATGVTDATGEIHNLITEQQFPAGVYRVE
FDTKAYWTNQGSTPFHEVAEVVFDAHPEGHRHYTLALLLSPFSYTTTAVVSSVHE
;
_entity_poly.pdbx_strand_id   A,B,C,D
#
loop_
_chem_comp.id
_chem_comp.type
_chem_comp.name
_chem_comp.formula
27M non-polymer bis(2,4-dihydroxyphenyl)methanone 'C13 H10 O5'
#
# COMPACT_ATOMS: atom_id res chain seq x y z
N CYS A 18 16.43 9.28 19.29
CA CYS A 18 15.74 9.78 18.10
C CYS A 18 14.24 9.45 18.18
N PRO A 19 13.44 10.39 18.68
CA PRO A 19 12.02 10.10 18.85
C PRO A 19 11.22 10.10 17.56
N LEU A 20 11.67 10.82 16.53
CA LEU A 20 10.96 10.92 15.27
C LEU A 20 11.89 10.52 14.14
N MET A 21 11.61 9.36 13.54
N MET A 21 11.64 9.35 13.55
CA MET A 21 12.40 8.82 12.44
CA MET A 21 12.42 8.83 12.44
C MET A 21 11.51 8.61 11.23
C MET A 21 11.51 8.63 11.23
N VAL A 22 12.13 8.58 10.05
CA VAL A 22 11.42 8.33 8.80
C VAL A 22 12.13 7.19 8.07
N LYS A 23 11.40 6.59 7.14
CA LYS A 23 11.95 5.55 6.27
C LYS A 23 11.18 5.61 4.96
N ILE A 24 11.83 6.12 3.92
CA ILE A 24 11.18 6.34 2.63
C ILE A 24 11.78 5.38 1.62
N LEU A 25 10.90 4.73 0.85
CA LEU A 25 11.30 3.79 -0.18
C LEU A 25 10.71 4.22 -1.52
N ASP A 26 11.40 3.84 -2.58
CA ASP A 26 11.03 4.16 -3.96
C ASP A 26 10.48 2.89 -4.60
N ALA A 27 9.16 2.85 -4.80
CA ALA A 27 8.49 1.65 -5.31
C ALA A 27 8.74 1.41 -6.81
N VAL A 28 9.37 2.35 -7.51
CA VAL A 28 9.69 2.17 -8.92
C VAL A 28 11.04 1.49 -9.09
N LYS A 29 12.08 2.02 -8.45
CA LYS A 29 13.44 1.50 -8.58
C LYS A 29 13.77 0.40 -7.59
N GLY A 30 12.99 0.24 -6.53
CA GLY A 30 13.35 -0.73 -5.49
C GLY A 30 14.54 -0.33 -4.65
N THR A 31 14.63 0.94 -4.29
CA THR A 31 15.68 1.47 -3.44
C THR A 31 15.05 2.38 -2.40
N PRO A 32 15.78 2.73 -1.35
CA PRO A 32 15.32 3.84 -0.51
C PRO A 32 15.31 5.12 -1.32
N ALA A 33 14.40 6.02 -0.96
CA ALA A 33 14.28 7.30 -1.65
C ALA A 33 15.18 8.30 -0.95
N GLY A 34 16.38 8.50 -1.50
CA GLY A 34 17.33 9.42 -0.91
C GLY A 34 17.13 10.85 -1.35
N SER A 35 17.54 11.78 -0.49
CA SER A 35 17.54 13.21 -0.82
C SER A 35 16.12 13.77 -0.92
N VAL A 36 15.22 13.29 -0.06
CA VAL A 36 13.88 13.84 0.06
C VAL A 36 13.88 14.88 1.17
N ALA A 37 13.42 16.10 0.86
CA ALA A 37 13.33 17.16 1.85
C ALA A 37 12.02 17.05 2.63
N LEU A 38 12.07 17.36 3.92
CA LEU A 38 10.86 17.35 4.72
C LEU A 38 10.90 18.45 5.77
N LYS A 39 9.70 18.87 6.21
CA LYS A 39 9.52 19.91 7.22
C LYS A 39 8.68 19.35 8.35
N VAL A 40 9.13 19.56 9.59
CA VAL A 40 8.40 19.12 10.78
C VAL A 40 7.75 20.35 11.41
N SER A 41 6.42 20.31 11.54
CA SER A 41 5.67 21.40 12.12
C SER A 41 4.91 20.94 13.36
N GLN A 42 4.69 21.86 14.28
CA GLN A 42 4.05 21.59 15.56
C GLN A 42 2.84 22.49 15.71
N LYS A 43 1.67 21.87 15.87
CA LYS A 43 0.45 22.64 16.03
C LYS A 43 0.53 23.49 17.28
N THR A 44 0.09 24.74 17.16
CA THR A 44 0.12 25.69 18.27
C THR A 44 -1.28 25.83 18.88
N ALA A 45 -1.30 26.39 20.09
CA ALA A 45 -2.55 26.51 20.84
C ALA A 45 -3.64 27.16 20.00
N ASP A 46 -3.29 28.12 19.16
CA ASP A 46 -4.28 28.82 18.33
C ASP A 46 -4.70 28.01 17.10
N GLY A 47 -4.04 26.88 16.82
CA GLY A 47 -4.38 26.06 15.69
C GLY A 47 -3.43 26.15 14.52
N GLY A 48 -2.57 27.16 14.50
CA GLY A 48 -1.60 27.30 13.43
C GLY A 48 -0.52 26.22 13.52
N TRP A 49 0.52 26.43 12.70
CA TRP A 49 1.67 25.53 12.67
C TRP A 49 2.95 26.34 12.84
N THR A 50 3.85 25.81 13.65
CA THR A 50 5.18 26.40 13.85
C THR A 50 6.20 25.37 13.39
N GLN A 51 6.91 25.69 12.31
CA GLN A 51 7.98 24.80 11.86
C GLN A 51 9.03 24.69 12.97
N ILE A 52 9.47 23.46 13.22
CA ILE A 52 10.43 23.19 14.28
C ILE A 52 11.67 22.46 13.78
N ALA A 53 11.66 21.96 12.53
CA ALA A 53 12.80 21.21 12.03
C ALA A 53 12.63 20.98 10.53
N THR A 54 13.76 20.84 9.84
CA THR A 54 13.79 20.44 8.44
C THR A 54 14.90 19.43 8.27
N GLY A 55 14.81 18.64 7.21
CA GLY A 55 15.82 17.64 6.97
C GLY A 55 15.74 17.13 5.55
N VAL A 56 16.69 16.27 5.21
CA VAL A 56 16.75 15.62 3.92
C VAL A 56 17.22 14.20 4.16
N THR A 57 16.52 13.23 3.58
CA THR A 57 16.90 11.84 3.79
C THR A 57 18.26 11.55 3.15
N ASP A 58 19.00 10.65 3.79
CA ASP A 58 20.26 10.17 3.25
C ASP A 58 19.97 9.06 2.25
N ALA A 59 21.02 8.34 1.84
CA ALA A 59 20.86 7.32 0.80
C ALA A 59 20.07 6.10 1.28
N THR A 60 19.93 5.91 2.60
CA THR A 60 19.10 4.84 3.14
C THR A 60 17.63 5.23 3.26
N GLY A 61 17.27 6.46 2.89
CA GLY A 61 15.91 6.93 3.07
C GLY A 61 15.57 7.30 4.50
N GLU A 62 16.55 7.63 5.33
CA GLU A 62 16.33 7.97 6.72
C GLU A 62 16.94 9.34 7.04
N ILE A 63 16.49 9.92 8.15
CA ILE A 63 17.09 11.13 8.70
C ILE A 63 17.44 10.85 10.16
N HIS A 64 18.70 11.00 10.51
CA HIS A 64 19.15 10.81 11.88
C HIS A 64 19.23 12.14 12.60
N ASN A 65 18.80 12.15 13.86
CA ASN A 65 18.82 13.35 14.69
C ASN A 65 18.00 14.47 14.04
N LEU A 66 16.78 14.12 13.63
CA LEU A 66 15.87 15.13 13.09
C LEU A 66 15.44 16.11 14.17
N ILE A 67 14.98 15.60 15.32
CA ILE A 67 14.70 16.42 16.49
C ILE A 67 15.06 15.62 17.73
N THR A 68 15.21 16.34 18.83
CA THR A 68 15.51 15.72 20.12
C THR A 68 14.22 15.45 20.89
N GLU A 69 14.34 14.61 21.92
CA GLU A 69 13.19 14.31 22.77
C GLU A 69 12.67 15.57 23.44
N GLN A 70 13.53 16.56 23.67
CA GLN A 70 13.08 17.80 24.28
C GLN A 70 12.31 18.67 23.29
N GLN A 71 12.65 18.59 22.00
CA GLN A 71 11.90 19.29 20.96
C GLN A 71 10.58 18.62 20.62
N PHE A 72 10.29 17.47 21.22
CA PHE A 72 9.18 16.61 20.79
C PHE A 72 8.21 16.36 21.94
N PRO A 73 7.57 17.39 22.47
CA PRO A 73 6.53 17.20 23.47
C PRO A 73 5.22 16.72 22.86
N ALA A 74 4.39 16.12 23.71
CA ALA A 74 3.09 15.66 23.27
C ALA A 74 2.36 16.75 22.51
N GLY A 75 1.67 16.36 21.44
CA GLY A 75 0.96 17.31 20.61
C GLY A 75 0.76 16.75 19.21
N VAL A 76 0.10 17.57 18.39
CA VAL A 76 -0.13 17.23 16.99
C VAL A 76 1.04 17.75 16.16
N TYR A 77 1.59 16.90 15.30
CA TYR A 77 2.69 17.27 14.45
C TYR A 77 2.32 17.03 12.99
N ARG A 78 2.97 17.78 12.11
CA ARG A 78 2.83 17.63 10.67
C ARG A 78 4.21 17.43 10.08
N VAL A 79 4.37 16.38 9.28
CA VAL A 79 5.60 16.15 8.53
C VAL A 79 5.23 16.23 7.05
N GLU A 80 5.84 17.18 6.36
CA GLU A 80 5.56 17.43 4.96
C GLU A 80 6.75 16.95 4.13
N PHE A 81 6.52 15.96 3.27
CA PHE A 81 7.56 15.40 2.41
C PHE A 81 7.41 16.01 1.02
N ASP A 82 8.50 16.58 0.50
CA ASP A 82 8.46 17.20 -0.82
C ASP A 82 8.70 16.12 -1.87
N THR A 83 7.64 15.35 -2.12
CA THR A 83 7.72 14.25 -3.06
C THR A 83 7.58 14.71 -4.51
N LYS A 84 6.99 15.88 -4.74
CA LYS A 84 6.94 16.42 -6.10
C LYS A 84 8.35 16.66 -6.64
N ALA A 85 9.21 17.29 -5.85
CA ALA A 85 10.58 17.54 -6.30
C ALA A 85 11.34 16.23 -6.47
N TYR A 86 11.09 15.25 -5.60
CA TYR A 86 11.76 13.96 -5.74
C TYR A 86 11.44 13.31 -7.08
N TRP A 87 10.15 13.25 -7.42
CA TRP A 87 9.77 12.58 -8.67
C TRP A 87 10.20 13.37 -9.89
N THR A 88 10.08 14.70 -9.84
CA THR A 88 10.56 15.51 -10.96
C THR A 88 12.03 15.23 -11.23
N ASN A 89 12.84 15.19 -10.16
CA ASN A 89 14.26 14.93 -10.33
C ASN A 89 14.51 13.51 -10.82
N GLN A 90 13.62 12.57 -10.49
CA GLN A 90 13.71 11.20 -11.00
C GLN A 90 13.25 11.07 -12.44
N GLY A 91 12.70 12.12 -13.03
CA GLY A 91 12.23 12.08 -14.39
C GLY A 91 10.80 11.64 -14.58
N SER A 92 10.04 11.45 -13.51
CA SER A 92 8.62 11.11 -13.58
C SER A 92 7.77 12.33 -13.23
N THR A 93 6.54 12.35 -13.76
CA THR A 93 5.60 13.42 -13.45
C THR A 93 4.68 12.96 -12.34
N PRO A 94 4.75 13.53 -11.14
CA PRO A 94 3.99 13.01 -10.00
C PRO A 94 2.57 13.57 -9.92
N PHE A 95 1.72 12.85 -9.21
CA PHE A 95 0.37 13.34 -8.97
C PHE A 95 0.32 14.34 -7.84
N HIS A 96 0.91 13.98 -6.69
CA HIS A 96 0.75 14.76 -5.46
C HIS A 96 1.70 15.94 -5.43
N GLU A 97 1.21 17.08 -4.92
CA GLU A 97 2.06 18.24 -4.66
C GLU A 97 3.04 17.96 -3.52
N VAL A 98 2.58 17.26 -2.50
CA VAL A 98 3.35 16.92 -1.31
C VAL A 98 2.74 15.66 -0.72
N ALA A 99 3.48 15.02 0.18
CA ALA A 99 2.94 14.00 1.07
C ALA A 99 2.91 14.58 2.48
N GLU A 100 1.76 14.51 3.13
CA GLU A 100 1.54 15.08 4.45
C GLU A 100 1.17 13.97 5.43
N VAL A 101 1.91 13.87 6.53
CA VAL A 101 1.60 12.94 7.61
C VAL A 101 1.32 13.75 8.86
N VAL A 102 0.09 13.68 9.37
CA VAL A 102 -0.36 14.45 10.51
C VAL A 102 -0.83 13.49 11.59
N PHE A 103 -0.30 13.64 12.80
CA PHE A 103 -0.59 12.68 13.85
C PHE A 103 -0.44 13.33 15.22
N ASP A 104 -1.15 12.74 16.19
CA ASP A 104 -1.07 13.14 17.59
C ASP A 104 -0.04 12.26 18.28
N ALA A 105 0.97 12.88 18.90
CA ALA A 105 2.10 12.16 19.48
C ALA A 105 2.01 12.21 21.00
N HIS A 106 2.12 11.04 21.62
CA HIS A 106 2.22 10.91 23.08
C HIS A 106 3.56 10.22 23.36
N PRO A 107 4.68 10.97 23.27
CA PRO A 107 6.00 10.32 23.34
C PRO A 107 6.42 9.95 24.76
N GLU A 108 5.46 9.83 25.66
CA GLU A 108 5.75 9.48 27.05
C GLU A 108 6.53 8.17 27.13
N GLY A 109 7.52 8.15 28.02
CA GLY A 109 8.22 6.92 28.34
C GLY A 109 9.01 6.30 27.20
N HIS A 110 9.83 7.10 26.51
CA HIS A 110 10.70 6.58 25.46
C HIS A 110 9.87 5.93 24.34
N ARG A 111 8.77 6.58 23.97
CA ARG A 111 7.94 6.11 22.86
C ARG A 111 8.41 6.78 21.57
N HIS A 112 8.86 5.97 20.62
CA HIS A 112 9.47 6.45 19.39
C HIS A 112 8.54 6.24 18.21
N TYR A 113 8.59 7.18 17.27
CA TYR A 113 7.76 7.16 16.08
C TYR A 113 8.63 7.00 14.84
N THR A 114 8.30 6.01 14.01
CA THR A 114 8.91 5.84 12.69
C THR A 114 7.82 6.01 11.65
N LEU A 115 7.97 7.02 10.79
CA LEU A 115 7.05 7.25 9.69
C LEU A 115 7.60 6.54 8.46
N ALA A 116 6.93 5.48 8.04
CA ALA A 116 7.31 4.73 6.86
C ALA A 116 6.53 5.26 5.66
N LEU A 117 7.21 5.39 4.53
CA LEU A 117 6.62 6.01 3.35
C LEU A 117 7.10 5.30 2.10
N LEU A 118 6.16 4.71 1.37
CA LEU A 118 6.41 4.04 0.10
C LEU A 118 5.86 4.90 -1.03
N LEU A 119 6.71 5.21 -2.01
CA LEU A 119 6.42 6.24 -3.01
C LEU A 119 6.34 5.68 -4.41
N SER A 120 5.29 6.06 -5.13
CA SER A 120 5.16 5.90 -6.57
C SER A 120 4.67 7.21 -7.13
N PRO A 121 4.90 7.48 -8.42
CA PRO A 121 4.50 8.79 -8.97
C PRO A 121 3.05 9.14 -8.73
N PHE A 122 2.13 8.17 -8.76
CA PHE A 122 0.70 8.43 -8.59
C PHE A 122 0.12 7.73 -7.37
N SER A 123 0.96 7.36 -6.40
N SER A 123 0.95 7.37 -6.40
CA SER A 123 0.48 6.71 -5.20
CA SER A 123 0.46 6.73 -5.19
C SER A 123 1.56 6.76 -4.14
C SER A 123 1.56 6.73 -4.14
N TYR A 124 1.15 6.81 -2.88
CA TYR A 124 2.07 6.60 -1.77
C TYR A 124 1.30 6.00 -0.60
N THR A 125 2.05 5.30 0.26
CA THR A 125 1.51 4.64 1.43
C THR A 125 2.25 5.16 2.65
N THR A 126 1.51 5.66 3.61
CA THR A 126 2.06 6.11 4.85
C THR A 126 1.65 5.18 6.00
N THR A 127 2.65 4.64 6.67
CA THR A 127 2.44 3.77 7.81
C THR A 127 3.27 4.31 8.97
N ALA A 128 2.92 3.88 10.17
CA ALA A 128 3.65 4.28 11.37
C ALA A 128 3.98 3.05 12.20
N VAL A 129 5.19 3.05 12.74
CA VAL A 129 5.63 2.07 13.73
C VAL A 129 5.93 2.84 15.01
N VAL A 130 5.27 2.47 16.09
CA VAL A 130 5.39 3.18 17.37
C VAL A 130 5.91 2.19 18.40
N SER A 131 7.04 2.52 19.01
CA SER A 131 7.66 1.67 20.02
C SER A 131 6.92 1.80 21.35
N SER A 132 7.15 0.86 22.24
CA SER A 132 6.49 0.86 23.54
C SER A 132 7.21 1.64 24.62
N VAL A 133 6.48 2.08 25.61
CA VAL A 133 7.07 2.72 26.77
C VAL A 133 7.96 1.77 27.55
N CYS B 18 -19.34 14.06 -13.09
CA CYS B 18 -18.62 14.30 -11.83
C CYS B 18 -17.11 14.35 -12.06
N PRO B 19 -16.51 15.54 -11.96
CA PRO B 19 -15.08 15.65 -12.22
C PRO B 19 -14.18 15.13 -11.11
N LEU B 20 -14.68 15.05 -9.87
CA LEU B 20 -13.85 14.64 -8.73
C LEU B 20 -14.61 13.55 -7.96
N MET B 21 -14.07 12.34 -7.98
CA MET B 21 -14.67 11.19 -7.31
C MET B 21 -13.70 10.62 -6.29
N VAL B 22 -14.24 9.84 -5.35
CA VAL B 22 -13.43 9.13 -4.37
C VAL B 22 -13.93 7.70 -4.28
N LYS B 23 -13.03 6.81 -3.86
CA LYS B 23 -13.36 5.42 -3.56
C LYS B 23 -12.51 5.04 -2.36
N ILE B 24 -13.16 4.86 -1.21
CA ILE B 24 -12.46 4.55 0.05
C ILE B 24 -12.79 3.11 0.43
N LEU B 25 -11.74 2.33 0.69
CA LEU B 25 -11.88 0.96 1.15
C LEU B 25 -11.34 0.82 2.56
N ASP B 26 -11.96 -0.09 3.31
CA ASP B 26 -11.56 -0.42 4.67
C ASP B 26 -10.80 -1.74 4.63
N ALA B 27 -9.51 -1.70 4.98
CA ALA B 27 -8.66 -2.88 4.88
C ALA B 27 -8.75 -3.80 6.09
N VAL B 28 -9.44 -3.38 7.15
CA VAL B 28 -9.63 -4.27 8.30
C VAL B 28 -10.74 -5.29 8.02
N LYS B 29 -11.86 -4.84 7.45
CA LYS B 29 -13.00 -5.75 7.26
C LYS B 29 -13.36 -5.96 5.79
N GLY B 30 -12.57 -5.45 4.85
CA GLY B 30 -12.76 -5.81 3.46
C GLY B 30 -14.07 -5.34 2.87
N THR B 31 -14.41 -4.09 3.13
CA THR B 31 -15.60 -3.46 2.60
C THR B 31 -15.24 -2.03 2.22
N PRO B 32 -16.06 -1.38 1.42
CA PRO B 32 -15.92 0.08 1.27
C PRO B 32 -16.05 0.74 2.64
N ALA B 33 -15.47 1.94 2.76
CA ALA B 33 -15.54 2.72 3.99
C ALA B 33 -16.72 3.68 3.88
N GLY B 34 -17.81 3.35 4.55
CA GLY B 34 -19.00 4.18 4.52
C GLY B 34 -18.99 5.26 5.60
N SER B 35 -19.56 6.41 5.25
CA SER B 35 -19.77 7.50 6.20
C SER B 35 -18.46 8.15 6.62
N VAL B 36 -17.53 8.29 5.67
CA VAL B 36 -16.28 9.02 5.89
C VAL B 36 -16.51 10.45 5.46
N ALA B 37 -16.25 11.39 6.38
CA ALA B 37 -16.41 12.80 6.06
C ALA B 37 -15.14 13.32 5.39
N LEU B 38 -15.32 14.21 4.41
CA LEU B 38 -14.19 14.85 3.76
C LEU B 38 -14.51 16.31 3.43
N LYS B 39 -13.45 17.09 3.24
CA LYS B 39 -13.55 18.51 2.89
C LYS B 39 -12.71 18.76 1.65
N VAL B 40 -13.25 19.49 0.68
CA VAL B 40 -12.50 19.94 -0.49
C VAL B 40 -12.14 21.39 -0.29
N SER B 41 -10.86 21.70 -0.36
CA SER B 41 -10.37 23.06 -0.26
C SER B 41 -9.64 23.45 -1.54
N GLN B 42 -9.73 24.73 -1.87
CA GLN B 42 -9.04 25.32 -3.00
C GLN B 42 -7.87 26.15 -2.49
N LYS B 43 -6.74 26.09 -3.19
CA LYS B 43 -5.61 26.92 -2.83
C LYS B 43 -5.84 28.34 -3.35
N THR B 44 -5.64 29.32 -2.49
CA THR B 44 -5.81 30.71 -2.86
C THR B 44 -4.53 31.28 -3.46
N ALA B 45 -4.68 32.32 -4.28
CA ALA B 45 -3.51 33.01 -4.81
C ALA B 45 -2.64 33.56 -3.67
N ASP B 46 -3.24 33.84 -2.52
CA ASP B 46 -2.49 34.12 -1.31
C ASP B 46 -1.44 33.05 -1.05
N GLY B 47 -1.88 31.79 -0.95
CA GLY B 47 -1.02 30.69 -0.59
C GLY B 47 -1.67 29.74 0.40
N GLY B 48 -2.84 30.11 0.92
CA GLY B 48 -3.57 29.30 1.86
C GLY B 48 -4.69 28.49 1.21
N TRP B 49 -5.57 27.96 2.06
CA TRP B 49 -6.65 27.09 1.64
C TRP B 49 -8.00 27.71 1.98
N THR B 50 -9.01 27.37 1.18
CA THR B 50 -10.38 27.78 1.48
C THR B 50 -11.32 26.64 1.09
N GLN B 51 -12.22 26.30 1.99
CA GLN B 51 -13.09 25.14 1.84
C GLN B 51 -14.25 25.46 0.90
N ILE B 52 -14.41 24.66 -0.15
CA ILE B 52 -15.43 24.90 -1.16
C ILE B 52 -16.53 23.86 -1.15
N ALA B 53 -16.36 22.73 -0.48
CA ALA B 53 -17.39 21.70 -0.45
C ALA B 53 -17.08 20.70 0.66
N THR B 54 -18.11 19.95 1.04
CA THR B 54 -17.97 18.81 1.93
C THR B 54 -18.83 17.67 1.40
N GLY B 55 -18.68 16.51 2.04
CA GLY B 55 -19.42 15.34 1.62
C GLY B 55 -19.09 14.19 2.56
N VAL B 56 -19.88 13.12 2.41
CA VAL B 56 -19.76 11.94 3.24
C VAL B 56 -19.99 10.72 2.36
N THR B 57 -19.12 9.72 2.46
CA THR B 57 -19.23 8.57 1.59
C THR B 57 -20.46 7.74 1.92
N ASP B 58 -21.11 7.24 0.87
CA ASP B 58 -22.21 6.31 1.03
C ASP B 58 -21.63 4.93 1.34
N ALA B 59 -22.50 3.92 1.37
CA ALA B 59 -22.06 2.58 1.78
C ALA B 59 -21.09 1.95 0.79
N THR B 60 -20.97 2.48 -0.42
CA THR B 60 -20.02 1.98 -1.41
C THR B 60 -18.68 2.71 -1.37
N GLY B 61 -18.46 3.56 -0.37
CA GLY B 61 -17.22 4.29 -0.26
C GLY B 61 -17.06 5.41 -1.27
N GLU B 62 -18.16 5.89 -1.84
CA GLU B 62 -18.12 6.91 -2.88
C GLU B 62 -18.95 8.12 -2.43
N ILE B 63 -18.74 9.24 -3.14
CA ILE B 63 -19.57 10.42 -2.99
C ILE B 63 -19.94 10.89 -4.39
N HIS B 64 -21.24 10.84 -4.71
CA HIS B 64 -21.74 11.34 -5.97
C HIS B 64 -22.20 12.78 -5.80
N ASN B 65 -21.89 13.61 -6.80
CA ASN B 65 -22.24 15.03 -6.78
C ASN B 65 -21.48 15.75 -5.66
N LEU B 66 -20.18 15.48 -5.58
CA LEU B 66 -19.35 16.15 -4.58
C LEU B 66 -19.16 17.62 -4.93
N ILE B 67 -18.70 17.89 -6.15
CA ILE B 67 -18.64 19.25 -6.67
C ILE B 67 -18.92 19.20 -8.16
N THR B 68 -19.23 20.36 -8.72
CA THR B 68 -19.57 20.50 -10.13
C THR B 68 -18.33 20.87 -10.94
N GLU B 69 -18.45 20.73 -12.27
CA GLU B 69 -17.35 21.15 -13.14
C GLU B 69 -17.09 22.64 -13.05
N GLN B 70 -18.10 23.43 -12.65
CA GLN B 70 -17.89 24.87 -12.47
C GLN B 70 -17.10 25.16 -11.21
N GLN B 71 -17.33 24.38 -10.15
CA GLN B 71 -16.57 24.55 -8.91
C GLN B 71 -15.15 24.02 -9.02
N PHE B 72 -14.84 23.25 -10.06
CA PHE B 72 -13.58 22.53 -10.17
C PHE B 72 -12.75 23.05 -11.34
N PRO B 73 -12.33 24.31 -11.31
CA PRO B 73 -11.41 24.81 -12.32
C PRO B 73 -9.99 24.35 -12.03
N ALA B 74 -9.12 24.55 -13.03
CA ALA B 74 -7.71 24.23 -12.84
C ALA B 74 -7.19 24.87 -11.57
N GLY B 75 -6.31 24.15 -10.88
CA GLY B 75 -5.69 24.68 -9.68
C GLY B 75 -5.37 23.57 -8.69
N VAL B 76 -4.64 23.96 -7.66
CA VAL B 76 -4.26 23.04 -6.59
C VAL B 76 -5.41 22.86 -5.64
N TYR B 77 -5.65 21.62 -5.23
CA TYR B 77 -6.73 21.28 -4.33
C TYR B 77 -6.20 20.40 -3.20
N ARG B 78 -6.84 20.51 -2.05
CA ARG B 78 -6.58 19.62 -0.92
C ARG B 78 -7.89 18.95 -0.52
N VAL B 79 -7.88 17.63 -0.51
CA VAL B 79 -9.02 16.85 -0.02
C VAL B 79 -8.61 16.25 1.32
N GLU B 80 -9.31 16.69 2.37
N GLU B 80 -9.36 16.60 2.36
CA GLU B 80 -9.09 16.20 3.72
CA GLU B 80 -9.02 16.20 3.73
C GLU B 80 -10.10 15.10 3.99
C GLU B 80 -10.05 15.17 4.22
N PHE B 81 -9.60 13.91 4.33
CA PHE B 81 -10.46 12.82 4.77
C PHE B 81 -10.36 12.69 6.29
N ASP B 82 -11.52 12.62 6.97
CA ASP B 82 -11.55 12.53 8.43
C ASP B 82 -11.47 11.06 8.85
N THR B 83 -10.27 10.50 8.69
CA THR B 83 -10.03 9.10 8.99
C THR B 83 -10.01 8.84 10.49
N LYS B 84 -9.58 9.82 11.29
CA LYS B 84 -9.57 9.65 12.74
C LYS B 84 -10.98 9.36 13.25
N ALA B 85 -11.97 10.15 12.79
CA ALA B 85 -13.35 9.89 13.21
C ALA B 85 -13.86 8.57 12.67
N TYR B 86 -13.44 8.18 11.47
CA TYR B 86 -13.87 6.90 10.93
C TYR B 86 -13.44 5.75 11.84
N TRP B 87 -12.16 5.70 12.20
CA TRP B 87 -11.68 4.61 13.04
C TRP B 87 -12.24 4.71 14.45
N THR B 88 -12.45 5.91 14.97
CA THR B 88 -13.07 6.05 16.29
C THR B 88 -14.47 5.45 16.29
N ASN B 89 -15.28 5.79 15.30
CA ASN B 89 -16.63 5.25 15.19
C ASN B 89 -16.64 3.76 14.85
N GLN B 90 -15.51 3.19 14.42
CA GLN B 90 -15.39 1.75 14.27
C GLN B 90 -14.92 1.07 15.54
N GLY B 91 -14.49 1.82 16.56
CA GLY B 91 -14.01 1.24 17.79
C GLY B 91 -12.53 0.92 17.79
N SER B 92 -11.78 1.43 16.82
CA SER B 92 -10.35 1.22 16.72
C SER B 92 -9.60 2.51 17.08
N THR B 93 -8.32 2.34 17.39
CA THR B 93 -7.45 3.47 17.67
C THR B 93 -6.64 3.81 16.43
N PRO B 94 -6.83 4.98 15.82
CA PRO B 94 -6.04 5.34 14.64
C PRO B 94 -4.74 6.05 15.00
N PHE B 95 -3.84 6.09 14.03
CA PHE B 95 -2.61 6.88 14.19
C PHE B 95 -2.78 8.29 13.64
N HIS B 96 -3.35 8.42 12.45
CA HIS B 96 -3.33 9.69 11.74
C HIS B 96 -4.44 10.60 12.25
N GLU B 97 -4.10 11.87 12.44
CA GLU B 97 -5.11 12.87 12.74
C GLU B 97 -6.07 13.04 11.57
N VAL B 98 -5.58 12.80 10.35
CA VAL B 98 -6.33 13.09 9.13
C VAL B 98 -5.58 12.50 7.95
N ALA B 99 -6.27 12.39 6.81
CA ALA B 99 -5.66 11.95 5.56
C ALA B 99 -5.87 13.03 4.51
N GLU B 100 -4.78 13.68 4.08
CA GLU B 100 -4.83 14.80 3.15
C GLU B 100 -4.22 14.40 1.82
N VAL B 101 -4.92 14.76 0.73
CA VAL B 101 -4.45 14.57 -0.63
C VAL B 101 -4.38 15.93 -1.29
N VAL B 102 -3.19 16.36 -1.69
CA VAL B 102 -2.97 17.64 -2.32
C VAL B 102 -2.46 17.40 -3.73
N PHE B 103 -3.10 18.02 -4.72
CA PHE B 103 -2.74 17.80 -6.11
C PHE B 103 -3.10 19.01 -6.94
N ASP B 104 -2.44 19.13 -8.09
CA ASP B 104 -2.71 20.18 -9.07
C ASP B 104 -3.64 19.63 -10.13
N ALA B 105 -4.85 20.17 -10.21
CA ALA B 105 -5.88 19.68 -11.12
C ALA B 105 -5.88 20.49 -12.41
N HIS B 106 -5.96 19.80 -13.54
CA HIS B 106 -6.20 20.41 -14.84
C HIS B 106 -7.40 19.69 -15.43
N PRO B 107 -8.63 20.11 -15.10
CA PRO B 107 -9.81 19.47 -15.70
C PRO B 107 -9.99 19.78 -17.18
N GLU B 108 -8.92 20.26 -17.83
CA GLU B 108 -8.91 20.44 -19.27
C GLU B 108 -9.37 19.17 -20.00
N GLY B 109 -10.30 19.35 -20.95
CA GLY B 109 -10.74 18.28 -21.82
C GLY B 109 -11.52 17.18 -21.14
N HIS B 110 -12.51 17.55 -20.33
CA HIS B 110 -13.30 16.58 -19.56
C HIS B 110 -12.39 15.57 -18.88
N ARG B 111 -11.39 16.08 -18.15
CA ARG B 111 -10.45 15.24 -17.45
C ARG B 111 -10.92 15.06 -16.01
N HIS B 112 -11.12 13.80 -15.61
CA HIS B 112 -11.74 13.46 -14.35
C HIS B 112 -10.72 12.81 -13.41
N TYR B 113 -10.92 13.04 -12.12
CA TYR B 113 -10.02 12.57 -11.07
C TYR B 113 -10.78 11.64 -10.14
N THR B 114 -10.18 10.49 -9.84
CA THR B 114 -10.67 9.57 -8.82
C THR B 114 -9.59 9.38 -7.79
N LEU B 115 -9.87 9.73 -6.54
CA LEU B 115 -8.94 9.57 -5.44
C LEU B 115 -9.28 8.27 -4.74
N ALA B 116 -8.48 7.24 -4.96
CA ALA B 116 -8.65 5.98 -4.28
C ALA B 116 -7.91 6.01 -2.96
N LEU B 117 -8.56 5.52 -1.91
CA LEU B 117 -8.01 5.59 -0.56
C LEU B 117 -8.24 4.28 0.15
N LEU B 118 -7.18 3.68 0.65
CA LEU B 118 -7.23 2.40 1.35
C LEU B 118 -6.86 2.65 2.81
N LEU B 119 -7.77 2.31 3.72
CA LEU B 119 -7.65 2.71 5.12
C LEU B 119 -7.35 1.53 6.03
N SER B 120 -6.32 1.67 6.85
CA SER B 120 -6.07 0.86 8.04
C SER B 120 -5.82 1.81 9.21
N PRO B 121 -6.02 1.36 10.44
CA PRO B 121 -5.82 2.27 11.58
C PRO B 121 -4.47 2.97 11.60
N PHE B 122 -3.38 2.28 11.26
CA PHE B 122 -2.05 2.88 11.28
C PHE B 122 -1.44 3.05 9.90
N SER B 123 -2.22 2.93 8.84
N SER B 123 -2.24 2.95 8.84
CA SER B 123 -1.69 3.14 7.50
CA SER B 123 -1.70 3.16 7.51
C SER B 123 -2.82 3.49 6.55
C SER B 123 -2.82 3.49 6.55
N TYR B 124 -2.48 4.23 5.49
CA TYR B 124 -3.39 4.41 4.38
C TYR B 124 -2.59 4.62 3.10
N THR B 125 -3.17 4.18 2.01
CA THR B 125 -2.60 4.35 0.68
C THR B 125 -3.50 5.30 -0.11
N THR B 126 -2.89 6.32 -0.66
CA THR B 126 -3.56 7.23 -1.52
C THR B 126 -3.05 6.99 -2.94
N THR B 127 -3.97 6.81 -3.87
N THR B 127 -3.99 6.85 -3.87
CA THR B 127 -3.59 6.78 -5.28
CA THR B 127 -3.71 6.67 -5.28
C THR B 127 -4.66 7.53 -6.07
C THR B 127 -4.67 7.55 -6.07
N ALA B 128 -4.28 7.92 -7.29
CA ALA B 128 -5.13 8.71 -8.16
C ALA B 128 -5.27 8.01 -9.50
N VAL B 129 -6.49 8.00 -10.02
CA VAL B 129 -6.77 7.56 -11.38
C VAL B 129 -7.25 8.77 -12.15
N VAL B 130 -6.50 9.17 -13.17
CA VAL B 130 -6.80 10.36 -13.96
C VAL B 130 -7.09 9.91 -15.38
N SER B 131 -8.25 10.30 -15.90
CA SER B 131 -8.66 9.96 -17.26
C SER B 131 -7.59 10.37 -18.27
N CYS C 18 23.57 -11.29 5.33
CA CYS C 18 22.38 -12.01 4.88
C CYS C 18 21.90 -11.48 3.52
N PRO C 19 21.87 -12.35 2.50
CA PRO C 19 21.41 -11.89 1.18
C PRO C 19 19.90 -11.77 1.04
N LEU C 20 19.12 -12.45 1.89
CA LEU C 20 17.67 -12.39 1.84
C LEU C 20 17.17 -12.00 3.22
N MET C 21 16.52 -10.84 3.30
CA MET C 21 16.00 -10.31 4.55
C MET C 21 14.52 -9.98 4.36
N VAL C 22 13.81 -9.85 5.48
CA VAL C 22 12.41 -9.46 5.46
C VAL C 22 12.19 -8.37 6.50
N LYS C 23 11.09 -7.65 6.31
CA LYS C 23 10.63 -6.66 7.27
C LYS C 23 9.11 -6.64 7.15
N ILE C 24 8.43 -7.21 8.13
CA ILE C 24 6.97 -7.30 8.13
C ILE C 24 6.44 -6.34 9.18
N LEU C 25 5.42 -5.57 8.80
CA LEU C 25 4.78 -4.59 9.68
C LEU C 25 3.29 -4.88 9.79
N ASP C 26 2.74 -4.59 10.96
CA ASP C 26 1.32 -4.74 11.25
C ASP C 26 0.69 -3.36 11.11
N ALA C 27 -0.19 -3.20 10.12
CA ALA C 27 -0.78 -1.91 9.80
C ALA C 27 -2.01 -1.58 10.66
N VAL C 28 -2.46 -2.52 11.47
CA VAL C 28 -3.56 -2.25 12.41
C VAL C 28 -3.03 -1.69 13.72
N LYS C 29 -1.98 -2.30 14.26
CA LYS C 29 -1.43 -1.92 15.56
C LYS C 29 -0.23 -0.99 15.46
N GLY C 30 0.35 -0.82 14.28
CA GLY C 30 1.52 0.03 14.16
C GLY C 30 2.76 -0.54 14.81
N THR C 31 3.00 -1.83 14.66
CA THR C 31 4.15 -2.51 15.21
C THR C 31 4.71 -3.44 14.15
N PRO C 32 5.94 -3.91 14.32
CA PRO C 32 6.40 -5.02 13.49
C PRO C 32 5.53 -6.24 13.73
N ALA C 33 5.52 -7.13 12.76
CA ALA C 33 4.73 -8.37 12.81
C ALA C 33 5.64 -9.49 13.30
N GLY C 34 5.54 -9.84 14.58
CA GLY C 34 6.36 -10.88 15.15
C GLY C 34 5.75 -12.27 14.98
N SER C 35 6.63 -13.26 14.90
CA SER C 35 6.24 -14.66 14.92
C SER C 35 5.48 -15.07 13.66
N VAL C 36 5.77 -14.44 12.52
CA VAL C 36 5.20 -14.87 11.25
C VAL C 36 6.07 -15.97 10.68
N ALA C 37 5.46 -17.11 10.36
CA ALA C 37 6.19 -18.21 9.76
C ALA C 37 6.29 -18.01 8.25
N LEU C 38 7.44 -18.37 7.69
CA LEU C 38 7.62 -18.24 6.25
C LEU C 38 8.50 -19.38 5.75
N LYS C 39 8.34 -19.71 4.47
CA LYS C 39 9.13 -20.74 3.80
C LYS C 39 9.74 -20.18 2.52
N VAL C 40 10.98 -20.56 2.25
CA VAL C 40 11.69 -20.15 1.05
C VAL C 40 11.80 -21.36 0.13
N SER C 41 11.38 -21.19 -1.12
CA SER C 41 11.42 -22.26 -2.11
C SER C 41 12.16 -21.80 -3.35
N GLN C 42 12.91 -22.72 -3.95
CA GLN C 42 13.68 -22.45 -5.16
C GLN C 42 13.07 -23.22 -6.32
N LYS C 43 12.87 -22.54 -7.43
CA LYS C 43 12.35 -23.18 -8.63
C LYS C 43 13.45 -23.99 -9.30
N THR C 44 13.17 -25.25 -9.62
CA THR C 44 14.13 -26.16 -10.19
C THR C 44 13.92 -26.28 -11.69
N ALA C 45 14.81 -27.04 -12.34
CA ALA C 45 14.76 -27.20 -13.79
C ALA C 45 13.38 -27.62 -14.25
N ASP C 46 12.85 -28.70 -13.67
CA ASP C 46 11.53 -29.21 -14.07
C ASP C 46 10.38 -28.25 -13.73
N GLY C 47 10.63 -27.00 -13.32
CA GLY C 47 9.58 -26.06 -13.00
C GLY C 47 8.98 -26.22 -11.63
N GLY C 48 9.28 -27.31 -10.92
CA GLY C 48 8.80 -27.51 -9.57
C GLY C 48 9.54 -26.62 -8.58
N TRP C 49 9.08 -26.68 -7.33
CA TRP C 49 9.64 -25.88 -6.26
C TRP C 49 10.22 -26.78 -5.19
N THR C 50 11.47 -26.51 -4.83
CA THR C 50 12.14 -27.22 -3.75
C THR C 50 12.26 -26.29 -2.56
N GLN C 51 11.67 -26.68 -1.43
CA GLN C 51 11.82 -25.90 -0.21
C GLN C 51 13.27 -25.95 0.24
N ILE C 52 13.84 -24.78 0.50
CA ILE C 52 15.24 -24.69 0.93
C ILE C 52 15.41 -24.12 2.33
N ALA C 53 14.40 -23.46 2.90
CA ALA C 53 14.53 -22.92 4.25
C ALA C 53 13.14 -22.52 4.76
N THR C 54 13.04 -22.39 6.07
CA THR C 54 11.83 -21.92 6.74
C THR C 54 12.24 -21.15 7.98
N GLY C 55 11.41 -20.19 8.38
CA GLY C 55 11.75 -19.37 9.53
C GLY C 55 10.54 -18.70 10.13
N VAL C 56 10.82 -17.91 11.17
CA VAL C 56 9.79 -17.20 11.92
C VAL C 56 10.34 -15.82 12.25
N THR C 57 9.57 -14.78 11.99
CA THR C 57 10.04 -13.43 12.31
C THR C 57 10.17 -13.27 13.82
N ASP C 58 11.12 -12.42 14.22
CA ASP C 58 11.30 -12.07 15.61
C ASP C 58 10.41 -10.86 15.93
N ALA C 59 10.56 -10.30 17.12
CA ALA C 59 9.66 -9.24 17.53
C ALA C 59 9.87 -7.96 16.73
N THR C 60 10.92 -7.87 15.92
CA THR C 60 11.13 -6.73 15.05
C THR C 60 10.62 -6.98 13.63
N GLY C 61 10.02 -8.14 13.37
CA GLY C 61 9.49 -8.43 12.05
C GLY C 61 10.54 -8.88 11.06
N GLU C 62 11.70 -9.30 11.53
CA GLU C 62 12.81 -9.70 10.68
C GLU C 62 13.16 -11.15 10.96
N ILE C 63 13.96 -11.72 10.07
CA ILE C 63 14.63 -12.98 10.30
C ILE C 63 16.10 -12.79 9.99
N HIS C 64 16.96 -13.36 10.81
CA HIS C 64 18.39 -13.35 10.59
C HIS C 64 18.87 -14.77 10.35
N ASN C 65 19.86 -14.91 9.47
CA ASN C 65 20.44 -16.21 9.15
C ASN C 65 19.36 -17.14 8.59
N LEU C 66 18.68 -16.67 7.54
CA LEU C 66 17.65 -17.47 6.88
C LEU C 66 18.28 -18.40 5.84
N ILE C 67 19.01 -17.83 4.88
CA ILE C 67 19.78 -18.61 3.91
C ILE C 67 21.12 -17.90 3.71
N THR C 68 22.16 -18.69 3.48
CA THR C 68 23.47 -18.16 3.18
C THR C 68 23.56 -17.78 1.70
N GLU C 69 24.61 -17.02 1.37
CA GLU C 69 24.85 -16.70 -0.03
C GLU C 69 25.11 -17.95 -0.84
N GLN C 70 25.63 -19.01 -0.18
CA GLN C 70 25.86 -20.28 -0.88
C GLN C 70 24.54 -20.97 -1.21
N GLN C 71 23.53 -20.81 -0.36
CA GLN C 71 22.21 -21.36 -0.61
C GLN C 71 21.37 -20.53 -1.57
N PHE C 72 21.87 -19.38 -2.00
CA PHE C 72 21.06 -18.38 -2.72
C PHE C 72 21.66 -18.09 -4.09
N PRO C 73 21.77 -19.09 -4.96
CA PRO C 73 22.23 -18.83 -6.32
C PRO C 73 21.17 -18.13 -7.14
N ALA C 74 21.59 -17.61 -8.29
CA ALA C 74 20.66 -16.98 -9.21
C ALA C 74 19.51 -17.94 -9.54
N GLY C 75 18.35 -17.36 -9.81
CA GLY C 75 17.17 -18.13 -10.14
C GLY C 75 15.90 -17.55 -9.55
N VAL C 76 14.77 -18.18 -9.84
CA VAL C 76 13.48 -17.75 -9.32
C VAL C 76 13.27 -18.36 -7.93
N TYR C 77 12.79 -17.54 -7.01
CA TYR C 77 12.49 -17.97 -5.65
C TYR C 77 11.05 -17.59 -5.30
N ARG C 78 10.50 -18.32 -4.34
CA ARG C 78 9.19 -18.01 -3.77
C ARG C 78 9.33 -17.98 -2.27
N VAL C 79 8.85 -16.90 -1.65
CA VAL C 79 8.81 -16.77 -0.20
C VAL C 79 7.35 -16.71 0.21
N GLU C 80 6.92 -17.69 1.02
CA GLU C 80 5.53 -17.85 1.41
C GLU C 80 5.39 -17.45 2.87
N PHE C 81 4.62 -16.39 3.13
CA PHE C 81 4.39 -15.88 4.48
C PHE C 81 3.04 -16.37 4.98
N ASP C 82 3.02 -16.95 6.18
CA ASP C 82 1.79 -17.50 6.75
C ASP C 82 1.05 -16.37 7.47
N THR C 83 0.40 -15.52 6.67
CA THR C 83 -0.29 -14.35 7.21
C THR C 83 -1.63 -14.71 7.82
N LYS C 84 -2.25 -15.81 7.37
CA LYS C 84 -3.54 -16.20 7.94
C LYS C 84 -3.43 -16.53 9.41
N ALA C 85 -2.42 -17.32 9.79
CA ALA C 85 -2.22 -17.65 11.19
C ALA C 85 -1.89 -16.41 11.99
N TYR C 86 -1.13 -15.49 11.41
CA TYR C 86 -0.81 -14.24 12.11
C TYR C 86 -2.09 -13.55 12.57
N TRP C 87 -3.07 -13.41 11.68
CA TRP C 87 -4.32 -12.74 12.03
C TRP C 87 -5.22 -13.61 12.89
N THR C 88 -5.30 -14.91 12.61
CA THR C 88 -6.17 -15.78 13.40
C THR C 88 -5.74 -15.81 14.86
N ASN C 89 -4.43 -15.86 15.12
CA ASN C 89 -3.95 -15.86 16.50
C ASN C 89 -4.23 -14.54 17.20
N GLN C 90 -4.57 -13.48 16.47
CA GLN C 90 -4.95 -12.20 17.06
C GLN C 90 -6.45 -12.05 17.24
N GLY C 91 -7.23 -13.04 16.84
CA GLY C 91 -8.68 -12.92 16.88
C GLY C 91 -9.30 -12.22 15.70
N SER C 92 -8.50 -11.76 14.74
CA SER C 92 -9.01 -11.19 13.51
C SER C 92 -9.21 -12.29 12.47
N THR C 93 -10.14 -12.06 11.55
CA THR C 93 -10.39 -13.00 10.47
C THR C 93 -9.81 -12.42 9.18
N PRO C 94 -8.82 -13.05 8.55
CA PRO C 94 -8.19 -12.47 7.37
C PRO C 94 -8.84 -12.95 6.07
N PHE C 95 -8.39 -12.35 4.97
CA PHE C 95 -8.84 -12.73 3.65
C PHE C 95 -7.91 -13.74 2.98
N HIS C 96 -6.60 -13.45 2.99
CA HIS C 96 -5.63 -14.24 2.25
C HIS C 96 -5.28 -15.53 3.01
N GLU C 97 -5.08 -16.61 2.26
CA GLU C 97 -4.55 -17.84 2.85
C GLU C 97 -3.08 -17.68 3.20
N VAL C 98 -2.31 -17.05 2.31
CA VAL C 98 -0.88 -16.84 2.46
C VAL C 98 -0.53 -15.57 1.68
N ALA C 99 0.66 -15.05 1.93
CA ALA C 99 1.25 -14.02 1.10
C ALA C 99 2.51 -14.61 0.46
N GLU C 100 2.53 -14.64 -0.87
CA GLU C 100 3.63 -15.25 -1.62
C GLU C 100 4.31 -14.18 -2.45
N VAL C 101 5.65 -14.18 -2.41
CA VAL C 101 6.48 -13.20 -3.11
C VAL C 101 7.40 -13.98 -4.04
N VAL C 102 7.16 -13.87 -5.35
CA VAL C 102 7.91 -14.62 -6.35
C VAL C 102 8.78 -13.65 -7.13
N PHE C 103 10.07 -13.97 -7.29
CA PHE C 103 10.99 -13.05 -7.94
C PHE C 103 12.21 -13.79 -8.45
N ASP C 104 12.74 -13.30 -9.57
CA ASP C 104 14.00 -13.78 -10.12
C ASP C 104 15.17 -13.07 -9.43
N ALA C 105 16.05 -13.83 -8.79
CA ALA C 105 17.14 -13.27 -8.01
C ALA C 105 18.46 -13.37 -8.76
N HIS C 106 19.26 -12.31 -8.67
CA HIS C 106 20.60 -12.27 -9.26
C HIS C 106 21.62 -11.83 -8.22
N PRO C 107 21.82 -12.61 -7.16
CA PRO C 107 22.82 -12.24 -6.15
C PRO C 107 24.24 -12.25 -6.71
N GLU C 108 24.66 -11.10 -7.23
CA GLU C 108 25.94 -10.97 -7.91
C GLU C 108 26.55 -9.62 -7.53
N GLY C 109 27.80 -9.66 -7.08
CA GLY C 109 28.41 -8.48 -6.48
C GLY C 109 27.93 -8.21 -5.07
N HIS C 110 27.61 -9.27 -4.31
CA HIS C 110 26.99 -9.15 -2.99
C HIS C 110 25.70 -8.33 -3.06
N ARG C 111 24.81 -8.78 -3.94
CA ARG C 111 23.52 -8.16 -4.14
C ARG C 111 22.52 -8.75 -3.14
N HIS C 112 21.97 -7.90 -2.29
CA HIS C 112 21.09 -8.32 -1.21
C HIS C 112 19.66 -7.86 -1.48
N TYR C 113 18.71 -8.66 -1.00
CA TYR C 113 17.29 -8.44 -1.22
C TYR C 113 16.59 -8.31 0.12
N THR C 114 15.77 -7.27 0.28
CA THR C 114 14.93 -7.08 1.45
C THR C 114 13.47 -7.07 1.02
N LEU C 115 12.70 -8.02 1.52
CA LEU C 115 11.28 -8.13 1.22
C LEU C 115 10.51 -7.43 2.33
N ALA C 116 9.94 -6.27 2.02
CA ALA C 116 9.10 -5.57 2.97
C ALA C 116 7.66 -5.97 2.75
N LEU C 117 6.89 -6.00 3.83
CA LEU C 117 5.53 -6.53 3.79
C LEU C 117 4.70 -5.82 4.85
N LEU C 118 3.62 -5.20 4.42
CA LEU C 118 2.71 -4.46 5.31
C LEU C 118 1.38 -5.20 5.35
N LEU C 119 0.99 -5.64 6.54
CA LEU C 119 -0.15 -6.55 6.69
C LEU C 119 -1.35 -5.84 7.29
N SER C 120 -2.49 -6.00 6.64
CA SER C 120 -3.81 -5.72 7.19
C SER C 120 -4.67 -6.95 6.96
N PRO C 121 -5.77 -7.10 7.72
CA PRO C 121 -6.57 -8.33 7.59
C PRO C 121 -7.03 -8.61 6.17
N PHE C 122 -7.39 -7.59 5.39
CA PHE C 122 -7.92 -7.81 4.04
C PHE C 122 -7.04 -7.19 2.96
N SER C 123 -5.77 -6.94 3.25
N SER C 123 -5.77 -6.94 3.25
CA SER C 123 -4.87 -6.37 2.26
CA SER C 123 -4.87 -6.43 2.23
C SER C 123 -3.44 -6.45 2.75
C SER C 123 -3.45 -6.51 2.74
N TYR C 124 -2.51 -6.56 1.80
CA TYR C 124 -1.09 -6.45 2.13
C TYR C 124 -0.34 -5.86 0.95
N THR C 125 0.79 -5.23 1.27
CA THR C 125 1.67 -4.60 0.29
C THR C 125 3.03 -5.27 0.38
N THR C 126 3.52 -5.80 -0.75
N THR C 126 3.53 -5.76 -0.75
CA THR C 126 4.86 -6.36 -0.84
CA THR C 126 4.86 -6.36 -0.84
C THR C 126 5.70 -5.46 -1.73
C THR C 126 5.73 -5.51 -1.75
N THR C 127 6.83 -4.99 -1.19
CA THR C 127 7.80 -4.22 -1.96
C THR C 127 9.18 -4.83 -1.73
N ALA C 128 10.10 -4.56 -2.65
CA ALA C 128 11.45 -5.09 -2.56
C ALA C 128 12.45 -3.95 -2.55
N VAL C 129 13.46 -4.07 -1.70
CA VAL C 129 14.61 -3.19 -1.69
C VAL C 129 15.81 -4.02 -2.10
N VAL C 130 16.39 -3.68 -3.26
CA VAL C 130 17.50 -4.44 -3.83
C VAL C 130 18.72 -3.54 -3.87
N SER C 131 19.79 -4.00 -3.25
CA SER C 131 21.02 -3.23 -3.12
C SER C 131 22.12 -3.30 -4.22
N SER C 132 23.39 -3.35 -3.81
CA SER C 132 24.62 -3.35 -4.66
C SER C 132 24.47 -3.46 -6.17
N CYS D 18 -21.42 -11.48 -11.74
CA CYS D 18 -20.06 -11.98 -11.65
C CYS D 18 -19.68 -12.17 -10.18
N PRO D 19 -19.30 -13.39 -9.79
CA PRO D 19 -18.86 -13.61 -8.40
C PRO D 19 -17.41 -13.21 -8.13
N LEU D 20 -16.57 -13.12 -9.16
CA LEU D 20 -15.15 -12.79 -8.96
C LEU D 20 -14.75 -11.70 -9.96
N MET D 21 -14.58 -10.49 -9.46
N MET D 21 -14.59 -10.49 -9.45
CA MET D 21 -14.15 -9.36 -10.26
CA MET D 21 -14.13 -9.35 -10.24
C MET D 21 -12.73 -8.95 -9.84
C MET D 21 -12.70 -9.02 -9.86
N VAL D 22 -12.03 -8.29 -10.76
CA VAL D 22 -10.71 -7.73 -10.47
C VAL D 22 -10.72 -6.26 -10.83
N LYS D 23 -9.75 -5.53 -10.29
CA LYS D 23 -9.59 -4.09 -10.57
C LYS D 23 -8.11 -3.76 -10.38
N ILE D 24 -7.37 -3.73 -11.48
CA ILE D 24 -5.93 -3.48 -11.45
C ILE D 24 -5.68 -2.04 -11.81
N LEU D 25 -4.86 -1.35 -11.01
CA LEU D 25 -4.46 0.02 -11.27
C LEU D 25 -2.96 0.12 -11.45
N ASP D 26 -2.53 1.09 -12.27
CA ASP D 26 -1.13 1.39 -12.50
C ASP D 26 -0.74 2.61 -11.67
N ALA D 27 0.17 2.40 -10.71
CA ALA D 27 0.55 3.48 -9.81
C ALA D 27 1.60 4.41 -10.40
N VAL D 28 2.24 4.03 -11.52
CA VAL D 28 3.15 4.93 -12.20
C VAL D 28 2.37 5.93 -13.05
N LYS D 29 1.44 5.43 -13.87
CA LYS D 29 0.73 6.28 -14.82
C LYS D 29 -0.56 6.87 -14.27
N GLY D 30 -1.07 6.38 -13.15
CA GLY D 30 -2.35 6.87 -12.67
C GLY D 30 -3.52 6.45 -13.53
N THR D 31 -3.48 5.23 -14.07
CA THR D 31 -4.53 4.71 -14.93
C THR D 31 -4.82 3.28 -14.51
N PRO D 32 -5.94 2.73 -14.94
CA PRO D 32 -6.11 1.28 -14.83
C PRO D 32 -5.03 0.58 -15.63
N ALA D 33 -4.68 -0.63 -15.18
CA ALA D 33 -3.71 -1.45 -15.87
C ALA D 33 -4.45 -2.32 -16.89
N GLY D 34 -4.33 -1.97 -18.16
CA GLY D 34 -5.00 -2.70 -19.21
C GLY D 34 -4.16 -3.83 -19.79
N SER D 35 -4.84 -4.85 -20.29
CA SER D 35 -4.20 -5.97 -20.98
C SER D 35 -3.31 -6.81 -20.05
N VAL D 36 -3.61 -6.81 -18.76
CA VAL D 36 -2.91 -7.66 -17.81
C VAL D 36 -3.52 -9.06 -17.88
N ALA D 37 -2.67 -10.06 -18.13
CA ALA D 37 -3.11 -11.44 -18.21
C ALA D 37 -3.13 -12.08 -16.84
N LEU D 38 -4.11 -12.96 -16.62
CA LEU D 38 -4.20 -13.67 -15.34
C LEU D 38 -4.80 -15.05 -15.53
N LYS D 39 -4.51 -15.93 -14.57
CA LYS D 39 -5.07 -17.28 -14.50
C LYS D 39 -5.75 -17.48 -13.16
N VAL D 40 -6.89 -18.17 -13.17
CA VAL D 40 -7.59 -18.54 -11.95
C VAL D 40 -7.50 -20.05 -11.79
N SER D 41 -7.03 -20.49 -10.62
CA SER D 41 -6.88 -21.89 -10.29
C SER D 41 -7.64 -22.21 -9.00
N GLN D 42 -7.82 -23.51 -8.77
CA GLN D 42 -8.61 -24.01 -7.65
C GLN D 42 -7.80 -25.11 -6.97
N LYS D 43 -7.61 -24.99 -5.66
CA LYS D 43 -6.89 -26.01 -4.92
C LYS D 43 -7.71 -27.30 -4.90
N THR D 44 -7.05 -28.43 -5.12
CA THR D 44 -7.70 -29.72 -5.23
C THR D 44 -7.47 -30.55 -3.99
N ALA D 45 -8.20 -31.65 -3.90
CA ALA D 45 -8.10 -32.54 -2.74
C ALA D 45 -6.66 -32.91 -2.44
N ASP D 46 -5.89 -33.26 -3.48
CA ASP D 46 -4.52 -33.72 -3.31
C ASP D 46 -3.53 -32.59 -3.05
N GLY D 47 -4.01 -31.35 -2.88
CA GLY D 47 -3.13 -30.24 -2.61
C GLY D 47 -2.57 -29.54 -3.83
N GLY D 48 -2.88 -30.03 -5.04
CA GLY D 48 -2.46 -29.39 -6.27
C GLY D 48 -3.44 -28.32 -6.71
N TRP D 49 -3.21 -27.83 -7.93
CA TRP D 49 -4.03 -26.77 -8.50
C TRP D 49 -4.61 -27.21 -9.84
N THR D 50 -5.88 -26.90 -10.04
CA THR D 50 -6.57 -27.10 -11.32
C THR D 50 -6.96 -25.74 -11.86
N GLN D 51 -6.51 -25.42 -13.07
CA GLN D 51 -6.81 -24.15 -13.69
C GLN D 51 -8.26 -24.16 -14.17
N ILE D 52 -8.99 -23.09 -13.88
CA ILE D 52 -10.40 -23.02 -14.25
C ILE D 52 -10.72 -21.89 -15.21
N ALA D 53 -9.85 -20.90 -15.37
CA ALA D 53 -10.13 -19.78 -16.27
C ALA D 53 -8.85 -19.02 -16.54
N THR D 54 -8.86 -18.26 -17.64
CA THR D 54 -7.87 -17.23 -17.90
C THR D 54 -8.61 -15.97 -18.32
N GLY D 55 -7.89 -14.86 -18.36
CA GLY D 55 -8.50 -13.61 -18.77
C GLY D 55 -7.44 -12.56 -19.03
N VAL D 56 -7.91 -11.41 -19.51
CA VAL D 56 -7.05 -10.27 -19.76
C VAL D 56 -7.87 -9.02 -19.45
N THR D 57 -7.32 -8.13 -18.63
CA THR D 57 -8.06 -6.94 -18.25
C THR D 57 -8.32 -6.06 -19.46
N ASP D 58 -9.48 -5.43 -19.48
CA ASP D 58 -9.77 -4.41 -20.49
C ASP D 58 -9.08 -3.12 -20.06
N ALA D 59 -9.39 -2.01 -20.74
CA ALA D 59 -8.72 -0.75 -20.45
C ALA D 59 -9.17 -0.12 -19.14
N THR D 60 -10.25 -0.62 -18.52
CA THR D 60 -10.66 -0.16 -17.20
C THR D 60 -10.03 -0.99 -16.08
N GLY D 61 -9.10 -1.89 -16.42
CA GLY D 61 -8.46 -2.74 -15.43
C GLY D 61 -9.30 -3.88 -14.93
N GLU D 62 -10.33 -4.27 -15.67
CA GLU D 62 -11.32 -5.24 -15.21
C GLU D 62 -11.43 -6.40 -16.19
N ILE D 63 -11.98 -7.51 -15.68
CA ILE D 63 -12.35 -8.66 -16.50
C ILE D 63 -13.79 -8.97 -16.17
N HIS D 64 -14.68 -8.81 -17.15
CA HIS D 64 -16.08 -9.14 -16.96
C HIS D 64 -16.32 -10.61 -17.29
N ASN D 65 -17.09 -11.27 -16.43
CA ASN D 65 -17.45 -12.68 -16.61
C ASN D 65 -16.21 -13.56 -16.64
N LEU D 66 -15.31 -13.32 -15.69
CA LEU D 66 -14.10 -14.13 -15.57
C LEU D 66 -14.43 -15.59 -15.25
N ILE D 67 -15.37 -15.81 -14.34
CA ILE D 67 -15.88 -17.15 -14.04
C ILE D 67 -17.37 -17.05 -13.72
N THR D 68 -18.01 -18.21 -13.60
CA THR D 68 -19.42 -18.29 -13.26
C THR D 68 -19.59 -18.97 -11.91
N GLU D 69 -20.81 -18.89 -11.37
CA GLU D 69 -21.10 -19.50 -10.08
C GLU D 69 -20.87 -21.02 -10.13
N GLN D 70 -21.05 -21.64 -11.29
CA GLN D 70 -20.84 -23.07 -11.42
C GLN D 70 -19.39 -23.47 -11.26
N GLN D 71 -18.46 -22.54 -11.46
CA GLN D 71 -17.03 -22.80 -11.31
C GLN D 71 -16.51 -22.45 -9.92
N PHE D 72 -17.37 -21.97 -9.03
CA PHE D 72 -16.91 -21.27 -7.84
C PHE D 72 -17.43 -21.90 -6.55
N PRO D 73 -17.30 -23.21 -6.35
CA PRO D 73 -17.65 -23.80 -5.06
C PRO D 73 -16.67 -23.36 -3.97
N ALA D 74 -17.06 -23.61 -2.72
CA ALA D 74 -16.20 -23.26 -1.60
C ALA D 74 -14.86 -23.97 -1.72
N GLY D 75 -13.82 -23.30 -1.26
CA GLY D 75 -12.47 -23.83 -1.36
C GLY D 75 -11.47 -22.71 -1.55
N VAL D 76 -10.21 -23.10 -1.66
CA VAL D 76 -9.12 -22.15 -1.83
C VAL D 76 -8.86 -21.95 -3.32
N TYR D 77 -8.75 -20.70 -3.72
CA TYR D 77 -8.49 -20.32 -5.10
C TYR D 77 -7.20 -19.52 -5.18
N ARG D 78 -6.61 -19.54 -6.37
N ARG D 78 -6.61 -19.54 -6.37
CA ARG D 78 -5.40 -18.78 -6.66
CA ARG D 78 -5.40 -18.78 -6.66
C ARG D 78 -5.64 -17.98 -7.92
C ARG D 78 -5.64 -17.98 -7.92
N VAL D 79 -5.36 -16.68 -7.86
CA VAL D 79 -5.41 -15.79 -9.02
C VAL D 79 -3.99 -15.29 -9.25
N GLU D 80 -3.43 -15.67 -10.38
CA GLU D 80 -2.04 -15.35 -10.73
C GLU D 80 -2.06 -14.33 -11.86
N PHE D 81 -1.55 -13.12 -11.57
CA PHE D 81 -1.49 -12.03 -12.54
C PHE D 81 -0.09 -11.96 -13.15
N ASP D 82 -0.02 -11.86 -14.48
CA ASP D 82 1.27 -11.76 -15.15
C ASP D 82 1.71 -10.29 -15.13
N THR D 83 2.18 -9.86 -13.96
CA THR D 83 2.61 -8.47 -13.80
C THR D 83 3.96 -8.21 -14.45
N LYS D 84 4.81 -9.23 -14.57
CA LYS D 84 6.12 -9.04 -15.18
C LYS D 84 6.01 -8.68 -16.65
N ALA D 85 5.08 -9.33 -17.38
CA ALA D 85 4.88 -9.00 -18.78
C ALA D 85 4.28 -7.62 -18.95
N TYR D 86 3.49 -7.16 -17.98
CA TYR D 86 2.90 -5.84 -18.08
C TYR D 86 3.96 -4.75 -17.98
N TRP D 87 4.91 -4.89 -17.05
CA TRP D 87 5.93 -3.87 -16.88
C TRP D 87 6.97 -3.93 -18.00
N THR D 88 7.26 -5.12 -18.51
CA THR D 88 8.18 -5.23 -19.63
C THR D 88 7.64 -4.49 -20.85
N ASN D 89 6.37 -4.72 -21.18
CA ASN D 89 5.75 -3.99 -22.29
C ASN D 89 5.67 -2.50 -22.02
N GLN D 90 5.66 -2.07 -20.75
CA GLN D 90 5.69 -0.65 -20.41
C GLN D 90 7.08 -0.05 -20.51
N GLY D 91 8.12 -0.87 -20.69
CA GLY D 91 9.48 -0.40 -20.70
C GLY D 91 10.17 -0.42 -19.35
N SER D 92 9.45 -0.67 -18.27
CA SER D 92 10.02 -0.72 -16.94
C SER D 92 10.57 -2.11 -16.65
N THR D 93 11.48 -2.16 -15.67
CA THR D 93 12.04 -3.43 -15.24
C THR D 93 11.40 -3.83 -13.92
N PRO D 94 10.64 -4.92 -13.86
CA PRO D 94 9.91 -5.26 -12.64
C PRO D 94 10.72 -6.14 -11.70
N PHE D 95 10.32 -6.11 -10.43
CA PHE D 95 10.89 -7.03 -9.45
C PHE D 95 10.21 -8.39 -9.49
N HIS D 96 8.88 -8.40 -9.37
CA HIS D 96 8.16 -9.63 -9.14
C HIS D 96 8.05 -10.43 -10.43
N GLU D 97 8.27 -11.73 -10.31
CA GLU D 97 8.00 -12.65 -11.41
C GLU D 97 6.52 -12.72 -11.73
N VAL D 98 5.67 -12.48 -10.72
CA VAL D 98 4.23 -12.66 -10.85
C VAL D 98 3.58 -12.12 -9.60
N ALA D 99 2.29 -11.83 -9.68
CA ALA D 99 1.50 -11.38 -8.53
C ALA D 99 0.41 -12.42 -8.26
N GLU D 100 0.44 -13.00 -7.06
CA GLU D 100 -0.46 -14.08 -6.70
C GLU D 100 -1.34 -13.69 -5.52
N VAL D 101 -2.65 -13.82 -5.71
CA VAL D 101 -3.64 -13.69 -4.64
C VAL D 101 -4.23 -15.07 -4.36
N VAL D 102 -4.19 -15.48 -3.10
CA VAL D 102 -4.62 -16.82 -2.69
C VAL D 102 -5.57 -16.66 -1.50
N PHE D 103 -6.78 -17.19 -1.63
CA PHE D 103 -7.80 -16.97 -0.61
C PHE D 103 -8.79 -18.12 -0.59
N ASP D 104 -9.40 -18.32 0.58
CA ASP D 104 -10.49 -19.27 0.77
C ASP D 104 -11.81 -18.58 0.40
N ALA D 105 -12.54 -19.16 -0.53
CA ALA D 105 -13.80 -18.57 -0.99
C ALA D 105 -14.97 -19.21 -0.25
N HIS D 106 -15.89 -18.36 0.23
CA HIS D 106 -17.10 -18.77 0.93
C HIS D 106 -16.77 -19.56 2.19
N PRO D 107 -15.78 -19.13 2.98
CA PRO D 107 -15.46 -19.90 4.20
C PRO D 107 -16.62 -19.97 5.18
N GLU D 108 -17.28 -18.85 5.40
CA GLU D 108 -18.43 -18.73 6.30
C GLU D 108 -19.76 -18.62 5.53
N GLY D 109 -19.78 -19.06 4.29
CA GLY D 109 -20.95 -18.91 3.45
C GLY D 109 -20.65 -18.16 2.17
N HIS D 110 -21.53 -18.28 1.18
CA HIS D 110 -21.24 -17.75 -0.14
C HIS D 110 -21.14 -16.23 -0.13
N ARG D 111 -20.16 -15.72 -0.88
CA ARG D 111 -19.89 -14.29 -0.98
C ARG D 111 -19.45 -13.97 -2.41
N HIS D 112 -19.47 -12.67 -2.72
CA HIS D 112 -18.89 -12.15 -3.94
C HIS D 112 -17.57 -11.44 -3.60
N TYR D 113 -16.66 -11.43 -4.56
CA TYR D 113 -15.29 -11.00 -4.33
C TYR D 113 -14.83 -10.06 -5.43
N THR D 114 -14.27 -8.92 -5.03
CA THR D 114 -13.50 -8.05 -5.90
C THR D 114 -12.05 -8.05 -5.43
N LEU D 115 -11.13 -8.32 -6.35
CA LEU D 115 -9.70 -8.31 -6.06
C LEU D 115 -9.11 -7.02 -6.62
N ALA D 116 -8.74 -6.10 -5.73
CA ALA D 116 -8.10 -4.86 -6.12
C ALA D 116 -6.59 -5.04 -6.10
N LEU D 117 -5.93 -4.54 -7.14
CA LEU D 117 -4.49 -4.70 -7.28
C LEU D 117 -3.90 -3.37 -7.74
N LEU D 118 -2.92 -2.87 -6.99
CA LEU D 118 -2.23 -1.63 -7.28
C LEU D 118 -0.80 -1.96 -7.66
N LEU D 119 -0.41 -1.67 -8.91
CA LEU D 119 0.86 -2.15 -9.45
C LEU D 119 1.89 -1.03 -9.55
N SER D 120 3.07 -1.29 -9.02
CA SER D 120 4.28 -0.54 -9.31
C SER D 120 5.37 -1.52 -9.69
N PRO D 121 6.42 -1.07 -10.38
CA PRO D 121 7.45 -2.02 -10.82
C PRO D 121 8.00 -2.90 -9.70
N PHE D 122 8.25 -2.33 -8.51
CA PHE D 122 8.87 -3.05 -7.41
C PHE D 122 7.94 -3.22 -6.22
N SER D 123 6.63 -3.09 -6.42
N SER D 123 6.63 -3.06 -6.41
CA SER D 123 5.69 -3.19 -5.31
CA SER D 123 5.69 -3.25 -5.31
C SER D 123 4.28 -3.41 -5.86
C SER D 123 4.30 -3.45 -5.87
N TYR D 124 3.46 -4.09 -5.08
CA TYR D 124 2.03 -4.14 -5.38
C TYR D 124 1.26 -4.37 -4.10
N THR D 125 0.02 -3.87 -4.09
CA THR D 125 -0.90 -4.01 -2.97
C THR D 125 -2.09 -4.83 -3.45
N THR D 126 -2.38 -5.93 -2.76
CA THR D 126 -3.58 -6.71 -3.04
C THR D 126 -4.58 -6.46 -1.93
N THR D 127 -5.80 -6.08 -2.33
CA THR D 127 -6.89 -5.84 -1.40
C THR D 127 -8.10 -6.63 -1.87
N ALA D 128 -8.94 -7.02 -0.92
CA ALA D 128 -10.16 -7.76 -1.22
C ALA D 128 -11.36 -6.98 -0.71
N VAL D 129 -12.39 -6.86 -1.55
CA VAL D 129 -13.70 -6.38 -1.15
C VAL D 129 -14.66 -7.55 -1.22
N VAL D 130 -15.19 -7.97 -0.07
CA VAL D 130 -16.02 -9.16 0.05
C VAL D 130 -17.43 -8.73 0.45
N SER D 131 -18.42 -9.10 -0.35
CA SER D 131 -19.81 -8.71 -0.11
C SER D 131 -20.72 -9.93 -0.22
N SER D 132 -21.93 -9.77 0.30
CA SER D 132 -22.90 -10.87 0.31
C SER D 132 -23.75 -10.86 -0.96
OAD 27M E . -8.03 -0.65 -7.61
OAD 27M E . -10.29 2.05 -3.44
CAO 27M E . -7.64 -0.36 -6.34
CAO 27M E . -9.11 1.52 -3.85
CAJ 27M E . -6.45 -0.90 -5.85
CAJ 27M E . -7.96 1.81 -3.14
CAM 27M E . -6.06 -0.62 -4.55
CAM 27M E . -6.74 1.27 -3.54
OAB 27M E . -4.87 -1.16 -4.04
OAB 27M E . -5.57 1.57 -2.83
CAF 27M E . -6.83 0.20 -3.74
CAF 27M E . -6.69 0.45 -4.66
CAH 27M E . -8.01 0.74 -4.24
CAH 27M E . -7.84 0.17 -5.36
CAQ 27M E . -8.43 0.46 -5.54
CAQ 27M E . -9.07 0.70 -4.97
CAL 27M E . -9.72 1.06 -6.06
CAL 27M E . -10.32 0.36 -5.76
OAA 27M E . -9.79 2.27 -6.21
OAA 27M E . -10.99 -0.61 -5.46
CAR 27M E . -10.91 0.20 -6.38
CAR 27M E . -10.76 1.23 -6.91
CAI 27M E . -11.12 -1.00 -5.71
CAI 27M E . -9.98 2.30 -7.34
CAG 27M E . -12.24 -1.79 -6.00
CAG 27M E . -10.38 3.09 -8.41
CAN 27M E . -13.14 -1.38 -6.96
CAN 27M E . -11.58 2.82 -9.06
OAC 27M E . -14.26 -2.17 -7.26
OAC 27M E . -11.99 3.63 -10.14
CAK 27M E . -12.94 -0.18 -7.64
CAK 27M E . -12.36 1.76 -8.63
CAP 27M E . -11.83 0.61 -7.34
CAP 27M E . -11.95 0.96 -7.56
OAE 27M E . -11.65 1.78 -8.00
OAE 27M E . -12.72 -0.08 -7.16
OAD 27M F . 10.98 0.17 7.95
OAD 27M F . 11.88 -1.53 5.90
CAO 27M F . 11.36 -0.57 6.89
CAO 27M F . 11.21 -0.72 6.78
CAJ 27M F . 12.67 -1.06 6.83
CAJ 27M F . 11.82 -0.34 7.97
CAM 27M F . 13.07 -1.82 5.74
CAM 27M F . 11.14 0.47 8.87
OAB 27M F . 14.39 -2.31 5.69
OAB 27M F . 11.74 0.86 10.08
CAF 27M F . 12.18 -2.09 4.72
CAF 27M F . 9.86 0.91 8.57
CAH 27M F . 10.88 -1.61 4.78
CAH 27M F . 9.26 0.53 7.37
CAQ 27M F . 10.46 -0.85 5.87
CAQ 27M F . 9.93 -0.29 6.48
CAL 27M F . 9.04 -0.31 5.93
CAL 27M F . 9.25 -0.69 5.17
OAA 27M F . 8.78 0.57 6.71
OAA 27M F . 9.67 -1.65 4.54
CAR 27M F . 7.96 -0.86 5.02
CAR 27M F . 8.05 0.10 4.68
CAI 27M F . 7.40 -2.12 5.28
CAI 27M F . 8.22 1.39 4.19
CAG 27M F . 6.41 -2.62 4.45
CAG 27M F . 7.12 2.11 3.76
CAN 27M F . 5.96 -1.88 3.37
CAN 27M F . 5.85 1.56 3.80
OAC 27M F . 4.96 -2.39 2.53
OAC 27M F . 4.74 2.29 3.36
CAK 27M F . 6.51 -0.63 3.12
CAK 27M F . 5.68 0.26 4.28
CAP 27M F . 7.50 -0.13 3.94
CAP 27M F . 6.78 -0.46 4.73
OAE 27M F . 8.02 1.11 3.69
OAE 27M F . 6.60 -1.72 5.20
#